data_8D5L
#
_entry.id   8D5L
#
_cell.length_a   25.606
_cell.length_b   50.271
_cell.length_c   79.845
_cell.angle_alpha   94.280
_cell.angle_beta   91.530
_cell.angle_gamma   90.130
#
_symmetry.space_group_name_H-M   'P 1'
#
loop_
_entity.id
_entity.type
_entity.pdbx_description
1 polymer 'RNA (33-MER)'
2 non-polymer 4-amino-8-methylpteridine-2,7(1H,8H)-dione
3 non-polymer 'MAGNESIUM ION'
4 non-polymer 'CALCIUM ION'
5 non-polymer 'SODIUM ION'
6 water water
#
_entity_poly.entity_id   1
_entity_poly.type   'polyribonucleotide'
_entity_poly.pdbx_seq_one_letter_code
;GGCGAUACCAGCCGAAAGGCCCUUGGCAGCGCC
;
_entity_poly.pdbx_strand_id   A,B,C,D
#